data_7CJ0
#
_entry.id   7CJ0
#
_cell.length_a   47.510
_cell.length_b   47.510
_cell.length_c   616.260
_cell.angle_alpha   90.000
_cell.angle_beta   90.000
_cell.angle_gamma   120.000
#
_symmetry.space_group_name_H-M   'P 31 2 1'
#
loop_
_entity.id
_entity.type
_entity.pdbx_description
1 polymer 'Histone H3.3'
2 polymer 'Histone H4'
3 polymer 'DNA replication licensing factor MCM2'
4 polymer 'DnaJ homolog subfamily C member 9'
5 non-polymer GLYCEROL
6 water water
#
loop_
_entity_poly.entity_id
_entity_poly.type
_entity_poly.pdbx_seq_one_letter_code
_entity_poly.pdbx_strand_id
1 'polypeptide(L)' STELLIRKLPFQRLVREIAQDFKTDLRFQSAAIGALQEASEAYLVGLFEDTNLCAIHAKRVTIMPKDIQLARRIRGERA E,B
2 'polypeptide(L)'
;SGRGKGGKGLGKGGAKRHRKVLRDNIQGITKPAIRRLARRGGVKRISGLIYEETRGVLKVFLENVIRDAVTYTEHAKRKT
VTAMDVVYALKRQGRTLYGFGG
;
F,C
3 'polypeptide(L)' GPLEEEEDGEELIGDGMERDYRAIPELDAYEAEGLALDDEDVEELTASQREAAERAMRQRDREAGRGLGR G,H
4 'polypeptide(L)'
;GPLGSEVPSYNAFVKESKQKMNARKRRAQEEAKEAEMSRKELGLDEGVDSLKAAIQSRQKDRQKEMDNFLAQMEAKYSKS
SKGG
;
D,A
#
# COMPACT_ATOMS: atom_id res chain seq x y z
N THR A 2 -22.50 -8.29 8.46
CA THR A 2 -22.75 -7.24 7.47
C THR A 2 -21.43 -6.71 6.92
N GLU A 3 -21.51 -5.78 5.97
CA GLU A 3 -20.31 -5.27 5.34
C GLU A 3 -19.56 -4.34 6.28
N LEU A 4 -18.36 -3.92 5.84
CA LEU A 4 -17.45 -3.13 6.64
C LEU A 4 -17.38 -1.72 6.05
N LEU A 5 -17.95 -0.75 6.76
CA LEU A 5 -17.81 0.67 6.41
C LEU A 5 -17.08 1.44 7.49
N ILE A 6 -17.57 1.39 8.73
CA ILE A 6 -16.92 2.01 9.88
C ILE A 6 -16.74 0.95 10.94
N ARG A 7 -15.56 0.92 11.56
CA ARG A 7 -15.29 -0.07 12.58
C ARG A 7 -16.06 0.25 13.86
N LYS A 8 -16.42 -0.80 14.59
CA LYS A 8 -17.40 -0.67 15.67
C LYS A 8 -16.82 0.07 16.87
N LEU A 9 -15.58 -0.24 17.26
CA LEU A 9 -15.00 0.40 18.42
C LEU A 9 -14.78 1.90 18.23
N PRO A 10 -14.22 2.38 17.11
CA PRO A 10 -14.12 3.84 16.93
C PRO A 10 -15.45 4.54 16.95
N PHE A 11 -16.48 3.97 16.32
CA PHE A 11 -17.80 4.59 16.34
C PHE A 11 -18.37 4.62 17.75
N GLN A 12 -18.19 3.55 18.51
CA GLN A 12 -18.67 3.54 19.90
C GLN A 12 -17.98 4.62 20.73
N ARG A 13 -16.65 4.71 20.62
CA ARG A 13 -15.92 5.73 21.35
C ARG A 13 -16.37 7.13 20.94
N LEU A 14 -16.61 7.34 19.64
CA LEU A 14 -17.06 8.65 19.17
C LEU A 14 -18.44 8.99 19.71
N VAL A 15 -19.36 8.03 19.71
CA VAL A 15 -20.70 8.26 20.22
C VAL A 15 -20.65 8.61 21.70
N ARG A 16 -19.83 7.89 22.47
CA ARG A 16 -19.75 8.19 23.90
C ARG A 16 -19.09 9.54 24.15
N GLU A 17 -18.08 9.90 23.35
CA GLU A 17 -17.47 11.22 23.47
C GLU A 17 -18.49 12.32 23.19
N ILE A 18 -19.31 12.15 22.15
CA ILE A 18 -20.32 13.15 21.82
C ILE A 18 -21.38 13.23 22.92
N ALA A 19 -21.76 12.07 23.49
CA ALA A 19 -22.83 12.05 24.46
C ALA A 19 -22.39 12.62 25.82
N GLN A 20 -21.10 12.46 26.16
CA GLN A 20 -20.66 12.95 27.47
C GLN A 20 -20.74 14.46 27.59
N ASP A 21 -20.87 15.18 26.48
CA ASP A 21 -21.08 16.62 26.52
C ASP A 21 -22.53 17.02 26.74
N PHE A 22 -23.44 16.05 26.83
CA PHE A 22 -24.85 16.32 27.09
C PHE A 22 -25.31 15.81 28.46
N LYS A 23 -24.82 14.66 28.90
CA LYS A 23 -25.06 14.17 30.25
C LYS A 23 -23.79 13.50 30.75
N THR A 24 -23.53 13.64 32.05
CA THR A 24 -22.21 13.31 32.59
C THR A 24 -21.90 11.83 32.49
N ASP A 25 -22.66 11.00 33.19
CA ASP A 25 -22.42 9.55 33.26
C ASP A 25 -23.57 8.82 32.60
N LEU A 26 -23.27 8.08 31.55
CA LEU A 26 -24.30 7.47 30.72
C LEU A 26 -23.86 6.09 30.28
N ARG A 27 -24.84 5.20 30.13
CA ARG A 27 -24.65 3.89 29.52
C ARG A 27 -25.42 3.84 28.21
N PHE A 28 -25.14 2.79 27.43
CA PHE A 28 -25.78 2.61 26.14
C PHE A 28 -26.10 1.15 25.91
N GLN A 29 -27.33 0.87 25.49
CA GLN A 29 -27.63 -0.47 24.99
C GLN A 29 -26.88 -0.69 23.68
N SER A 30 -26.35 -1.90 23.51
CA SER A 30 -25.59 -2.20 22.31
C SER A 30 -26.45 -2.08 21.06
N ALA A 31 -27.74 -2.41 21.17
CA ALA A 31 -28.65 -2.22 20.04
C ALA A 31 -28.80 -0.76 19.69
N ALA A 32 -28.74 0.13 20.68
CA ALA A 32 -28.80 1.56 20.39
C ALA A 32 -27.59 2.01 19.58
N ILE A 33 -26.39 1.57 19.99
CA ILE A 33 -25.18 1.90 19.24
C ILE A 33 -25.25 1.31 17.82
N GLY A 34 -25.79 0.10 17.71
CA GLY A 34 -25.91 -0.51 16.39
C GLY A 34 -26.86 0.22 15.48
N ALA A 35 -28.01 0.64 16.02
CA ALA A 35 -28.95 1.44 15.23
C ALA A 35 -28.34 2.78 14.83
N LEU A 36 -27.60 3.40 15.76
CA LEU A 36 -26.92 4.65 15.43
C LEU A 36 -25.94 4.44 14.27
N GLN A 37 -25.15 3.37 14.34
CA GLN A 37 -24.17 3.12 13.28
C GLN A 37 -24.86 2.84 11.95
N GLU A 38 -25.92 2.04 11.96
CA GLU A 38 -26.61 1.70 10.72
C GLU A 38 -27.24 2.94 10.10
N ALA A 39 -27.89 3.77 10.90
CA ALA A 39 -28.50 5.00 10.38
C ALA A 39 -27.43 5.94 9.85
N SER A 40 -26.32 6.11 10.58
CA SER A 40 -25.25 7.00 10.13
C SER A 40 -24.65 6.52 8.82
N GLU A 41 -24.43 5.21 8.69
CA GLU A 41 -23.81 4.69 7.48
C GLU A 41 -24.76 4.80 6.29
N ALA A 42 -26.06 4.51 6.49
CA ALA A 42 -27.02 4.68 5.41
C ALA A 42 -27.08 6.15 4.97
N TYR A 43 -27.15 7.07 5.93
CA TYR A 43 -27.16 8.49 5.61
C TYR A 43 -25.92 8.88 4.83
N LEU A 44 -24.74 8.43 5.26
CA LEU A 44 -23.50 8.85 4.62
C LEU A 44 -23.36 8.25 3.22
N VAL A 45 -23.80 7.00 3.03
CA VAL A 45 -23.67 6.43 1.69
C VAL A 45 -24.67 7.06 0.74
N GLY A 46 -25.86 7.40 1.23
CA GLY A 46 -26.80 8.13 0.39
C GLY A 46 -26.28 9.52 0.03
N LEU A 47 -25.68 10.21 1.01
CA LEU A 47 -25.08 11.50 0.74
C LEU A 47 -23.94 11.39 -0.26
N PHE A 48 -23.17 10.30 -0.20
CA PHE A 48 -22.08 10.10 -1.14
C PHE A 48 -22.60 9.80 -2.54
N GLU A 49 -23.70 9.06 -2.64
CA GLU A 49 -24.30 8.84 -3.96
C GLU A 49 -24.77 10.16 -4.56
N ASP A 50 -25.46 10.97 -3.76
CA ASP A 50 -25.93 12.26 -4.27
C ASP A 50 -24.76 13.18 -4.61
N THR A 51 -23.70 13.13 -3.82
CA THR A 51 -22.50 13.94 -4.10
C THR A 51 -21.83 13.49 -5.39
N ASN A 52 -21.80 12.17 -5.64
CA ASN A 52 -21.23 11.69 -6.89
C ASN A 52 -22.07 12.13 -8.08
N LEU A 53 -23.39 12.13 -7.93
CA LEU A 53 -24.25 12.68 -8.98
C LEU A 53 -23.94 14.14 -9.24
N CYS A 54 -23.86 14.94 -8.16
CA CYS A 54 -23.56 16.36 -8.31
C CYS A 54 -22.19 16.59 -8.93
N ALA A 55 -21.23 15.70 -8.65
CA ALA A 55 -19.89 15.86 -9.20
C ALA A 55 -19.87 15.50 -10.69
N ILE A 56 -20.54 14.42 -11.08
CA ILE A 56 -20.55 14.05 -12.49
C ILE A 56 -21.41 14.98 -13.32
N HIS A 57 -22.33 15.71 -12.70
CA HIS A 57 -23.02 16.76 -13.44
C HIS A 57 -22.08 17.90 -13.79
N ALA A 58 -21.15 18.23 -12.88
CA ALA A 58 -20.18 19.30 -13.09
C ALA A 58 -18.95 18.84 -13.87
N LYS A 59 -19.06 17.70 -14.57
CA LYS A 59 -17.97 17.16 -15.39
C LYS A 59 -16.74 16.83 -14.52
N ARG A 60 -16.98 16.02 -13.49
CA ARG A 60 -15.92 15.56 -12.61
C ARG A 60 -16.29 14.21 -12.02
N VAL A 61 -15.31 13.33 -11.91
CA VAL A 61 -15.47 12.08 -11.14
C VAL A 61 -14.81 12.17 -9.78
N THR A 62 -14.12 13.26 -9.49
CA THR A 62 -13.52 13.50 -8.17
C THR A 62 -14.46 14.39 -7.37
N ILE A 63 -14.99 13.86 -6.28
CA ILE A 63 -15.94 14.61 -5.46
C ILE A 63 -15.17 15.60 -4.59
N MET A 64 -15.82 16.70 -4.26
CA MET A 64 -15.25 17.77 -3.47
C MET A 64 -16.26 18.21 -2.42
N PRO A 65 -15.81 18.88 -1.36
CA PRO A 65 -16.78 19.41 -0.38
C PRO A 65 -17.83 20.31 -1.00
N LYS A 66 -17.50 20.99 -2.10
CA LYS A 66 -18.48 21.78 -2.82
C LYS A 66 -19.65 20.92 -3.28
N ASP A 67 -19.33 19.75 -3.87
CA ASP A 67 -20.40 18.84 -4.31
C ASP A 67 -21.16 18.26 -3.13
N ILE A 68 -20.48 18.02 -2.01
CA ILE A 68 -21.17 17.52 -0.81
C ILE A 68 -22.21 18.54 -0.35
N GLN A 69 -21.81 19.81 -0.25
CA GLN A 69 -22.75 20.83 0.19
C GLN A 69 -23.85 21.07 -0.84
N LEU A 70 -23.54 20.95 -2.14
CA LEU A 70 -24.57 21.07 -3.16
C LEU A 70 -25.61 19.96 -3.03
N ALA A 71 -25.14 18.72 -2.82
CA ALA A 71 -26.07 17.61 -2.62
C ALA A 71 -26.91 17.81 -1.35
N ARG A 72 -26.28 18.31 -0.29
CA ARG A 72 -27.01 18.57 0.95
C ARG A 72 -28.08 19.64 0.73
N ARG A 73 -27.76 20.66 -0.07
CA ARG A 73 -28.74 21.72 -0.33
C ARG A 73 -29.89 21.19 -1.20
N ILE A 74 -29.59 20.28 -2.13
CA ILE A 74 -30.65 19.69 -2.93
C ILE A 74 -31.54 18.79 -2.07
N ARG A 75 -30.94 18.05 -1.13
CA ARG A 75 -31.70 17.11 -0.31
C ARG A 75 -32.61 17.84 0.66
N GLY A 76 -32.24 19.05 1.05
CA GLY A 76 -33.06 19.77 1.99
C GLY A 76 -32.44 19.91 3.37
N GLU A 77 -31.11 19.81 3.45
CA GLU A 77 -30.41 19.99 4.71
C GLU A 77 -29.68 21.32 4.73
N ARG A 78 -29.57 21.90 5.92
CA ARG A 78 -28.65 23.01 6.27
C ARG A 78 -28.85 23.37 7.74
N HIS B 18 -13.15 10.95 39.72
CA HIS B 18 -13.72 10.35 38.52
C HIS B 18 -14.21 11.41 37.55
N ARG B 19 -13.31 11.87 36.69
CA ARG B 19 -13.62 12.89 35.69
C ARG B 19 -13.04 12.49 34.34
N LYS B 20 -13.27 11.23 33.96
CA LYS B 20 -12.74 10.72 32.70
C LYS B 20 -13.44 11.40 31.52
N VAL B 21 -12.64 11.77 30.51
CA VAL B 21 -13.14 12.49 29.35
C VAL B 21 -12.61 11.82 28.09
N LEU B 22 -13.49 11.64 27.11
CA LEU B 22 -13.10 11.16 25.79
C LEU B 22 -12.89 12.35 24.86
N ARG B 23 -11.94 12.20 23.94
CA ARG B 23 -11.48 13.35 23.16
C ARG B 23 -10.87 12.87 21.85
N ASP B 24 -11.17 13.62 20.77
CA ASP B 24 -10.54 13.43 19.46
C ASP B 24 -10.77 12.03 18.91
N ASN B 25 -11.99 11.51 19.11
CA ASN B 25 -12.38 10.25 18.51
C ASN B 25 -13.00 10.42 17.14
N ILE B 26 -13.11 11.66 16.65
CA ILE B 26 -13.52 11.88 15.26
C ILE B 26 -12.47 11.34 14.31
N GLN B 27 -11.22 11.20 14.76
CA GLN B 27 -10.20 10.53 13.97
C GLN B 27 -10.44 9.04 13.88
N GLY B 28 -11.29 8.48 14.74
CA GLY B 28 -11.70 7.10 14.59
C GLY B 28 -12.36 6.84 13.25
N ILE B 29 -12.96 7.87 12.66
CA ILE B 29 -13.41 7.80 11.28
C ILE B 29 -12.18 8.03 10.42
N THR B 30 -11.49 6.94 10.08
CA THR B 30 -10.20 7.04 9.41
C THR B 30 -10.42 7.36 7.92
N LYS B 31 -9.30 7.47 7.21
CA LYS B 31 -9.33 7.64 5.76
C LYS B 31 -9.88 6.37 5.10
N PRO B 32 -9.46 5.16 5.50
CA PRO B 32 -10.10 3.97 4.93
C PRO B 32 -11.60 3.88 5.21
N ALA B 33 -12.07 4.36 6.36
CA ALA B 33 -13.50 4.33 6.63
C ALA B 33 -14.27 5.21 5.65
N ILE B 34 -13.79 6.43 5.44
CA ILE B 34 -14.42 7.34 4.48
C ILE B 34 -14.30 6.79 3.07
N ARG B 35 -13.20 6.11 2.76
CA ARG B 35 -13.04 5.50 1.44
C ARG B 35 -14.06 4.38 1.23
N ARG B 36 -14.26 3.54 2.24
CA ARG B 36 -15.27 2.49 2.14
C ARG B 36 -16.66 3.08 1.99
N LEU B 37 -16.95 4.15 2.74
CA LEU B 37 -18.25 4.80 2.61
C LEU B 37 -18.45 5.36 1.20
N ALA B 38 -17.42 6.02 0.65
CA ALA B 38 -17.53 6.60 -0.68
C ALA B 38 -17.67 5.51 -1.74
N ARG B 39 -16.90 4.43 -1.63
CA ARG B 39 -17.01 3.33 -2.57
C ARG B 39 -18.39 2.68 -2.50
N ARG B 40 -18.94 2.54 -1.30
CA ARG B 40 -20.31 2.08 -1.16
C ARG B 40 -21.27 3.05 -1.82
N GLY B 41 -20.96 4.34 -1.79
CA GLY B 41 -21.74 5.35 -2.50
C GLY B 41 -21.46 5.46 -3.98
N GLY B 42 -20.48 4.73 -4.49
CA GLY B 42 -20.16 4.76 -5.91
C GLY B 42 -19.12 5.77 -6.33
N VAL B 43 -18.46 6.44 -5.38
CA VAL B 43 -17.47 7.45 -5.72
C VAL B 43 -16.22 6.78 -6.28
N LYS B 44 -15.70 7.32 -7.38
CA LYS B 44 -14.49 6.78 -7.98
C LYS B 44 -13.22 7.46 -7.47
N ARG B 45 -13.24 8.78 -7.34
CA ARG B 45 -12.10 9.52 -6.81
C ARG B 45 -12.61 10.58 -5.84
N ILE B 46 -11.77 10.93 -4.87
CA ILE B 46 -12.14 11.90 -3.84
C ILE B 46 -11.08 13.00 -3.80
N SER B 47 -11.50 14.16 -3.29
CA SER B 47 -10.58 15.26 -3.05
C SER B 47 -9.83 15.05 -1.74
N GLY B 48 -8.73 15.79 -1.58
CA GLY B 48 -7.95 15.69 -0.36
C GLY B 48 -8.70 16.16 0.86
N LEU B 49 -9.48 17.24 0.72
CA LEU B 49 -10.25 17.82 1.82
C LEU B 49 -11.63 17.18 1.95
N ILE B 50 -11.83 16.00 1.37
CA ILE B 50 -13.11 15.31 1.52
C ILE B 50 -13.22 14.69 2.91
N TYR B 51 -12.10 14.23 3.47
CA TYR B 51 -12.12 13.55 4.77
C TYR B 51 -12.63 14.48 5.87
N GLU B 52 -12.12 15.71 5.90
CA GLU B 52 -12.52 16.65 6.95
C GLU B 52 -13.99 17.03 6.82
N GLU B 53 -14.46 17.25 5.58
CA GLU B 53 -15.87 17.57 5.38
C GLU B 53 -16.76 16.41 5.80
N THR B 54 -16.36 15.19 5.48
CA THR B 54 -17.12 14.01 5.91
C THR B 54 -17.16 13.91 7.43
N ARG B 55 -16.01 14.11 8.09
CA ARG B 55 -15.98 14.07 9.54
C ARG B 55 -16.91 15.12 10.15
N GLY B 56 -16.88 16.35 9.62
CA GLY B 56 -17.76 17.39 10.14
C GLY B 56 -19.23 17.07 9.94
N VAL B 57 -19.58 16.58 8.76
CA VAL B 57 -20.97 16.24 8.48
C VAL B 57 -21.46 15.16 9.43
N LEU B 58 -20.67 14.09 9.58
CA LEU B 58 -21.08 13.00 10.46
C LEU B 58 -21.13 13.45 11.92
N LYS B 59 -20.22 14.34 12.32
CA LYS B 59 -20.24 14.83 13.70
C LYS B 59 -21.48 15.65 13.97
N VAL B 60 -21.88 16.52 13.04
CA VAL B 60 -23.10 17.30 13.22
C VAL B 60 -24.32 16.38 13.28
N PHE B 61 -24.38 15.42 12.36
CA PHE B 61 -25.48 14.45 12.34
C PHE B 61 -25.58 13.72 13.69
N LEU B 62 -24.45 13.19 14.16
CA LEU B 62 -24.45 12.43 15.41
C LEU B 62 -24.79 13.31 16.60
N GLU B 63 -24.28 14.54 16.65
CA GLU B 63 -24.64 15.44 17.73
C GLU B 63 -26.14 15.68 17.77
N ASN B 64 -26.73 15.99 16.62
CA ASN B 64 -28.15 16.34 16.59
C ASN B 64 -29.04 15.14 16.92
N VAL B 65 -28.62 13.92 16.58
CA VAL B 65 -29.46 12.79 16.94
C VAL B 65 -29.21 12.34 18.38
N ILE B 66 -27.97 12.42 18.85
CA ILE B 66 -27.62 11.97 20.19
C ILE B 66 -28.20 12.90 21.25
N ARG B 67 -28.28 14.20 20.95
CA ARG B 67 -28.94 15.10 21.90
C ARG B 67 -30.38 14.69 22.16
N ASP B 68 -31.11 14.35 21.09
CA ASP B 68 -32.51 13.94 21.26
C ASP B 68 -32.61 12.59 21.96
N ALA B 69 -31.71 11.65 21.62
CA ALA B 69 -31.73 10.36 22.32
C ALA B 69 -31.46 10.54 23.81
N VAL B 70 -30.51 11.41 24.16
CA VAL B 70 -30.20 11.67 25.56
C VAL B 70 -31.37 12.35 26.25
N THR B 71 -32.07 13.24 25.55
CA THR B 71 -33.27 13.86 26.12
C THR B 71 -34.34 12.82 26.41
N TYR B 72 -34.53 11.87 25.49
CA TYR B 72 -35.48 10.79 25.73
C TYR B 72 -35.09 9.98 26.96
N THR B 73 -33.80 9.60 27.05
CA THR B 73 -33.33 8.84 28.20
C THR B 73 -33.52 9.63 29.50
N GLU B 74 -33.27 10.94 29.46
CA GLU B 74 -33.42 11.77 30.65
C GLU B 74 -34.86 11.88 31.09
N HIS B 75 -35.79 12.00 30.13
CA HIS B 75 -37.20 12.03 30.49
C HIS B 75 -37.69 10.67 30.96
N ALA B 76 -37.04 9.59 30.53
CA ALA B 76 -37.37 8.27 31.07
C ALA B 76 -36.84 8.07 32.48
N LYS B 77 -36.20 9.07 33.06
CA LYS B 77 -35.60 8.98 34.40
C LYS B 77 -34.61 7.84 34.49
N ARG B 78 -33.95 7.52 33.38
CA ARG B 78 -32.92 6.51 33.30
C ARG B 78 -31.56 7.18 33.12
N LYS B 79 -30.52 6.36 33.07
CA LYS B 79 -29.17 6.84 32.76
C LYS B 79 -28.50 5.95 31.72
N THR B 80 -29.25 5.08 31.05
CA THR B 80 -28.76 4.29 29.93
C THR B 80 -29.68 4.50 28.74
N VAL B 81 -29.09 4.67 27.57
CA VAL B 81 -29.84 4.94 26.34
C VAL B 81 -30.24 3.60 25.73
N THR B 82 -31.53 3.31 25.73
CA THR B 82 -32.02 2.08 25.14
C THR B 82 -32.20 2.24 23.63
N ALA B 83 -32.58 1.15 22.97
CA ALA B 83 -32.77 1.17 21.53
C ALA B 83 -33.97 2.03 21.13
N MET B 84 -35.04 2.03 21.95
CA MET B 84 -36.22 2.80 21.61
C MET B 84 -35.97 4.30 21.72
N ASP B 85 -35.06 4.72 22.61
CA ASP B 85 -34.65 6.12 22.64
C ASP B 85 -34.08 6.54 21.29
N VAL B 86 -33.19 5.72 20.73
CA VAL B 86 -32.61 6.01 19.43
C VAL B 86 -33.67 5.92 18.34
N VAL B 87 -34.61 4.99 18.47
CA VAL B 87 -35.69 4.88 17.49
C VAL B 87 -36.48 6.18 17.43
N TYR B 88 -36.92 6.68 18.59
CA TYR B 88 -37.68 7.92 18.63
C TYR B 88 -36.85 9.12 18.21
N ALA B 89 -35.55 9.12 18.54
CA ALA B 89 -34.68 10.20 18.08
C ALA B 89 -34.59 10.23 16.57
N LEU B 90 -34.44 9.06 15.94
CA LEU B 90 -34.37 9.00 14.48
C LEU B 90 -35.71 9.38 13.85
N LYS B 91 -36.81 8.99 14.48
CA LYS B 91 -38.13 9.34 13.96
C LYS B 91 -38.35 10.85 14.01
N ARG B 92 -37.91 11.49 15.11
CA ARG B 92 -38.03 12.95 15.20
C ARG B 92 -37.07 13.64 14.24
N GLN B 93 -35.89 13.06 14.03
CA GLN B 93 -34.91 13.63 13.11
C GLN B 93 -35.40 13.56 11.67
N GLY B 94 -36.11 12.49 11.31
CA GLY B 94 -36.63 12.36 9.96
C GLY B 94 -37.58 13.47 9.58
N ARG B 95 -38.15 14.17 10.56
CA ARG B 95 -39.06 15.27 10.30
C ARG B 95 -38.36 16.61 10.11
N THR B 96 -37.15 16.76 10.65
CA THR B 96 -36.45 18.04 10.64
C THR B 96 -35.21 18.06 9.76
N LEU B 97 -34.65 16.90 9.41
CA LEU B 97 -33.39 16.86 8.69
C LEU B 97 -33.53 17.38 7.27
N TYR B 98 -34.60 16.99 6.57
CA TYR B 98 -34.82 17.39 5.19
C TYR B 98 -35.97 18.38 5.07
N GLY B 99 -36.17 19.21 6.09
CA GLY B 99 -37.21 20.22 6.04
C GLY B 99 -36.74 21.51 5.39
N PHE B 100 -35.66 21.42 4.60
CA PHE B 100 -35.09 22.56 3.89
C PHE B 100 -34.75 23.70 4.84
N GLY B 101 -34.10 23.34 5.96
CA GLY B 101 -33.69 24.32 6.95
C GLY B 101 -34.07 23.93 8.36
N GLU C 5 -0.85 23.06 -5.81
CA GLU C 5 -2.17 22.68 -5.30
C GLU C 5 -3.05 22.13 -6.42
N GLU C 6 -4.28 21.78 -6.07
CA GLU C 6 -5.23 21.15 -6.99
C GLU C 6 -4.59 19.94 -7.67
N GLU C 7 -4.24 18.97 -6.85
CA GLU C 7 -3.58 17.75 -7.32
C GLU C 7 -4.61 16.86 -8.00
N ASP C 8 -4.17 15.67 -8.41
CA ASP C 8 -5.06 14.73 -9.06
C ASP C 8 -6.06 14.16 -8.04
N GLY C 9 -7.17 13.66 -8.55
CA GLY C 9 -8.15 13.03 -7.69
C GLY C 9 -7.62 11.71 -7.15
N GLU C 10 -7.74 11.51 -5.85
CA GLU C 10 -7.28 10.28 -5.22
C GLU C 10 -8.15 9.12 -5.69
N GLU C 11 -7.57 8.22 -6.47
CA GLU C 11 -8.27 7.05 -6.93
C GLU C 11 -8.71 6.18 -5.75
N LEU C 12 -9.85 5.51 -5.92
CA LEU C 12 -10.40 4.66 -4.87
C LEU C 12 -10.45 3.19 -5.23
N ILE C 13 -10.37 2.83 -6.52
CA ILE C 13 -10.46 1.45 -6.93
C ILE C 13 -9.09 1.01 -7.46
N GLY C 14 -8.03 1.64 -6.95
CA GLY C 14 -6.69 1.27 -7.33
C GLY C 14 -6.30 -0.11 -6.80
N ASP C 15 -5.01 -0.41 -6.90
CA ASP C 15 -4.49 -1.69 -6.45
C ASP C 15 -4.03 -1.59 -4.99
N GLY C 16 -4.24 -2.67 -4.25
CA GLY C 16 -4.12 -2.62 -2.81
C GLY C 16 -5.36 -2.16 -2.09
N MET C 17 -6.49 -2.09 -2.79
CA MET C 17 -7.74 -1.66 -2.15
C MET C 17 -8.20 -2.65 -1.10
N GLU C 18 -7.85 -3.93 -1.25
CA GLU C 18 -8.20 -4.93 -0.25
C GLU C 18 -7.56 -4.63 1.11
N ARG C 19 -6.56 -3.75 1.15
CA ARG C 19 -6.00 -3.32 2.42
C ARG C 19 -7.03 -2.55 3.25
N ASP C 20 -7.91 -1.80 2.59
CA ASP C 20 -9.00 -1.13 3.30
C ASP C 20 -10.05 -2.09 3.80
N TYR C 21 -10.01 -3.35 3.37
CA TYR C 21 -10.99 -4.36 3.77
C TYR C 21 -10.37 -5.46 4.63
N ARG C 22 -9.22 -5.19 5.25
CA ARG C 22 -8.66 -6.12 6.21
C ARG C 22 -9.47 -6.10 7.49
N ALA C 23 -9.44 -7.22 8.22
CA ALA C 23 -10.18 -7.35 9.46
C ALA C 23 -9.28 -7.00 10.64
N ILE C 24 -9.79 -6.17 11.55
CA ILE C 24 -9.05 -5.77 12.75
C ILE C 24 -9.86 -6.16 13.97
N PRO C 25 -9.48 -7.21 14.70
CA PRO C 25 -10.31 -7.65 15.84
C PRO C 25 -10.38 -6.64 16.97
N GLU C 26 -9.35 -5.80 17.13
CA GLU C 26 -9.38 -4.81 18.21
C GLU C 26 -10.48 -3.78 17.98
N LEU C 27 -10.85 -3.51 16.72
CA LEU C 27 -11.80 -2.49 16.40
C LEU C 27 -13.11 -3.00 15.80
N ASP C 28 -13.16 -4.25 15.36
CA ASP C 28 -14.37 -4.80 14.75
C ASP C 28 -15.37 -5.32 15.77
N ALA C 29 -15.22 -4.98 17.05
CA ALA C 29 -16.15 -5.41 18.07
C ALA C 29 -16.31 -4.31 19.11
N TYR C 30 -17.53 -4.15 19.61
CA TYR C 30 -17.78 -3.16 20.65
C TYR C 30 -17.11 -3.58 21.96
N GLU C 31 -16.49 -2.60 22.62
CA GLU C 31 -15.91 -2.86 23.93
C GLU C 31 -17.01 -2.89 24.99
N ALA C 32 -16.63 -3.20 26.22
CA ALA C 32 -17.60 -3.33 27.30
C ALA C 32 -17.86 -2.01 28.03
N GLU C 33 -16.92 -1.08 27.99
CA GLU C 33 -17.06 0.17 28.73
C GLU C 33 -18.15 1.04 28.09
N GLY C 34 -19.02 1.59 28.92
CA GLY C 34 -20.09 2.45 28.46
C GLY C 34 -21.35 1.73 28.01
N LEU C 35 -21.37 0.41 28.05
CA LEU C 35 -22.53 -0.36 27.62
C LEU C 35 -23.33 -0.83 28.83
N ALA C 36 -24.58 -1.24 28.56
CA ALA C 36 -25.51 -1.65 29.60
C ALA C 36 -25.72 -3.15 29.51
N LEU C 37 -25.10 -3.89 30.42
CA LEU C 37 -25.33 -5.33 30.54
C LEU C 37 -26.32 -5.67 31.65
N ASP C 38 -26.43 -4.82 32.66
CA ASP C 38 -27.53 -4.92 33.63
C ASP C 38 -28.82 -4.51 32.92
N ASP C 39 -29.68 -5.49 32.64
CA ASP C 39 -30.76 -5.31 31.68
C ASP C 39 -32.07 -4.83 32.31
N GLU C 40 -31.99 -4.08 33.40
CA GLU C 40 -33.14 -3.33 33.90
C GLU C 40 -32.70 -1.88 34.08
N ASP C 41 -33.63 -1.03 34.52
CA ASP C 41 -33.50 0.42 34.37
C ASP C 41 -33.39 0.79 32.88
N VAL C 42 -34.03 -0.02 32.04
CA VAL C 42 -34.07 0.22 30.60
C VAL C 42 -35.53 0.27 30.17
N GLU C 43 -36.41 0.66 31.10
CA GLU C 43 -37.83 0.70 30.82
C GLU C 43 -38.14 1.70 29.72
N GLU C 44 -39.07 1.32 28.84
CA GLU C 44 -39.45 2.17 27.71
C GLU C 44 -40.12 3.45 28.21
N LEU C 45 -40.01 4.49 27.39
CA LEU C 45 -40.67 5.75 27.70
C LEU C 45 -42.18 5.59 27.72
N THR C 46 -42.82 6.13 28.75
CA THR C 46 -44.27 6.23 28.74
C THR C 46 -44.71 7.42 27.91
N ALA C 47 -45.98 7.41 27.49
CA ALA C 47 -46.47 8.43 26.56
C ALA C 47 -46.31 9.83 27.14
N SER C 48 -46.56 9.99 28.44
CA SER C 48 -46.35 11.29 29.08
C SER C 48 -44.89 11.71 29.01
N GLN C 49 -43.98 10.78 29.32
CA GLN C 49 -42.55 11.08 29.26
C GLN C 49 -42.12 11.46 27.85
N ARG C 50 -42.55 10.69 26.86
CA ARG C 50 -42.17 10.95 25.48
C ARG C 50 -42.70 12.31 25.01
N GLU C 51 -43.97 12.59 25.30
CA GLU C 51 -44.57 13.83 24.87
C GLU C 51 -43.90 15.03 25.54
N ALA C 52 -43.59 14.90 26.84
CA ALA C 52 -42.90 15.98 27.53
C ALA C 52 -41.51 16.21 26.96
N ALA C 53 -40.76 15.13 26.71
CA ALA C 53 -39.44 15.27 26.12
C ALA C 53 -39.51 15.94 24.76
N GLU C 54 -40.47 15.53 23.92
CA GLU C 54 -40.54 16.09 22.58
C GLU C 54 -40.97 17.55 22.59
N ARG C 55 -41.88 17.93 23.50
CA ARG C 55 -42.29 19.33 23.56
C ARG C 55 -41.18 20.21 24.13
N ALA C 56 -40.42 19.70 25.10
CA ALA C 56 -39.25 20.43 25.59
C ALA C 56 -38.21 20.59 24.49
N MET C 57 -38.02 19.55 23.67
CA MET C 57 -37.07 19.64 22.57
C MET C 57 -37.54 20.63 21.51
N ARG C 58 -38.85 20.70 21.26
CA ARG C 58 -39.34 21.67 20.29
C ARG C 58 -39.20 23.10 20.82
N GLN C 59 -39.45 23.30 22.12
CA GLN C 59 -39.18 24.62 22.70
C GLN C 59 -37.71 24.98 22.60
N ARG C 60 -36.81 24.03 22.87
CA ARG C 60 -35.38 24.27 22.73
C ARG C 60 -35.02 24.66 21.31
N ASP C 61 -35.59 23.94 20.33
CA ASP C 61 -35.31 24.26 18.92
C ASP C 61 -35.80 25.65 18.56
N ARG C 62 -36.98 26.02 19.05
CA ARG C 62 -37.45 27.40 18.86
C ARG C 62 -36.49 28.40 19.48
N GLU C 63 -35.89 28.04 20.62
CA GLU C 63 -34.92 28.92 21.26
C GLU C 63 -33.64 29.06 20.45
N ALA C 64 -33.46 28.27 19.39
CA ALA C 64 -32.28 28.37 18.55
C ALA C 64 -32.64 28.88 17.15
N VAL D 7 17.11 31.11 -6.61
CA VAL D 7 16.25 30.14 -7.30
C VAL D 7 14.78 30.58 -7.40
N PRO D 8 14.14 30.98 -6.26
CA PRO D 8 12.74 31.39 -6.35
C PRO D 8 12.55 32.75 -6.99
N SER D 9 12.97 32.89 -8.25
CA SER D 9 12.81 34.13 -8.98
C SER D 9 11.36 34.34 -9.40
N TYR D 10 11.07 35.54 -9.90
CA TYR D 10 9.75 35.81 -10.43
C TYR D 10 9.48 35.00 -11.69
N ASN D 11 10.48 34.90 -12.57
CA ASN D 11 10.31 34.15 -13.81
C ASN D 11 10.08 32.67 -13.53
N ALA D 12 10.83 32.10 -12.57
CA ALA D 12 10.63 30.71 -12.19
C ALA D 12 9.22 30.50 -11.64
N PHE D 13 8.64 31.52 -11.03
CA PHE D 13 7.26 31.40 -10.56
C PHE D 13 6.28 31.45 -11.72
N VAL D 14 6.58 32.23 -12.76
CA VAL D 14 5.70 32.30 -13.92
C VAL D 14 5.64 30.94 -14.62
N LYS D 15 6.80 30.30 -14.80
CA LYS D 15 6.83 28.99 -15.44
C LYS D 15 6.06 27.96 -14.63
N GLU D 16 6.25 27.96 -13.30
CA GLU D 16 5.53 27.02 -12.45
C GLU D 16 4.03 27.25 -12.51
N SER D 17 3.59 28.51 -12.48
CA SER D 17 2.17 28.81 -12.55
C SER D 17 1.59 28.39 -13.89
N LYS D 18 2.31 28.63 -14.99
CA LYS D 18 1.82 28.22 -16.31
C LYS D 18 1.73 26.70 -16.41
N GLN D 19 2.74 25.99 -15.90
CA GLN D 19 2.70 24.54 -15.91
C GLN D 19 1.52 24.01 -15.10
N LYS D 20 1.27 24.60 -13.92
CA LYS D 20 0.15 24.15 -13.11
C LYS D 20 -1.19 24.45 -13.77
N MET D 21 -1.29 25.61 -14.44
CA MET D 21 -2.52 25.94 -15.16
C MET D 21 -2.78 24.95 -16.30
N ASN D 22 -1.73 24.64 -17.07
CA ASN D 22 -1.91 23.69 -18.18
C ASN D 22 -2.24 22.30 -17.67
N ALA D 23 -1.58 21.85 -16.60
CA ALA D 23 -1.92 20.56 -16.01
C ALA D 23 -3.35 20.56 -15.46
N ARG D 24 -3.81 21.69 -14.95
CA ARG D 24 -5.20 21.78 -14.47
C ARG D 24 -6.17 21.66 -15.64
N LYS D 25 -5.86 22.28 -16.78
CA LYS D 25 -6.72 22.12 -17.95
C LYS D 25 -6.74 20.68 -18.43
N ARG D 26 -5.56 20.02 -18.44
CA ARG D 26 -5.49 18.62 -18.83
C ARG D 26 -6.35 17.75 -17.91
N ARG D 27 -6.18 17.93 -16.60
CA ARG D 27 -6.95 17.14 -15.64
C ARG D 27 -8.44 17.46 -15.75
N ALA D 28 -8.79 18.68 -16.10
CA ALA D 28 -10.21 19.02 -16.28
C ALA D 28 -10.80 18.29 -17.48
N GLN D 29 -10.05 18.23 -18.58
CA GLN D 29 -10.52 17.48 -19.75
C GLN D 29 -10.66 15.99 -19.43
N GLU D 30 -9.67 15.44 -18.72
CA GLU D 30 -9.73 14.03 -18.34
C GLU D 30 -10.93 13.76 -17.43
N GLU D 31 -11.15 14.65 -16.45
CA GLU D 31 -12.28 14.51 -15.55
C GLU D 31 -13.60 14.60 -16.30
N ALA D 32 -13.68 15.49 -17.30
CA ALA D 32 -14.90 15.61 -18.07
C ALA D 32 -15.17 14.35 -18.88
N LYS D 33 -14.14 13.79 -19.50
CA LYS D 33 -14.33 12.55 -20.26
C LYS D 33 -14.79 11.41 -19.34
N GLU D 34 -14.08 11.22 -18.23
CA GLU D 34 -14.46 10.17 -17.29
C GLU D 34 -15.85 10.41 -16.71
N ALA D 35 -16.22 11.68 -16.52
CA ALA D 35 -17.51 12.00 -15.93
C ALA D 35 -18.64 11.74 -16.91
N GLU D 36 -18.43 12.01 -18.19
CA GLU D 36 -19.43 11.65 -19.19
C GLU D 36 -19.57 10.14 -19.28
N MET D 37 -18.43 9.42 -19.27
CA MET D 37 -18.48 7.96 -19.29
C MET D 37 -19.28 7.42 -18.11
N SER D 38 -19.06 7.96 -16.91
CA SER D 38 -19.78 7.49 -15.74
C SER D 38 -21.24 7.92 -15.78
N ARG D 39 -21.51 9.14 -16.22
CA ARG D 39 -22.89 9.64 -16.30
C ARG D 39 -23.74 8.74 -17.18
N LYS D 40 -23.24 8.36 -18.36
CA LYS D 40 -23.98 7.40 -19.16
C LYS D 40 -23.91 6.00 -18.57
N GLU D 41 -22.88 5.71 -17.76
CA GLU D 41 -22.79 4.41 -17.11
C GLU D 41 -23.82 4.28 -15.98
N LEU D 42 -24.21 5.40 -15.38
CA LEU D 42 -25.21 5.38 -14.31
C LEU D 42 -26.64 5.52 -14.84
N GLY D 43 -26.82 6.14 -16.00
CA GLY D 43 -28.14 6.26 -16.60
C GLY D 43 -28.87 7.55 -16.28
N LEU D 44 -28.17 8.59 -15.87
CA LEU D 44 -28.80 9.87 -15.56
C LEU D 44 -28.82 10.75 -16.80
N ASP D 45 -29.99 11.32 -17.10
CA ASP D 45 -30.11 12.23 -18.22
C ASP D 45 -29.34 13.51 -17.95
N GLU D 46 -28.87 14.15 -19.03
CA GLU D 46 -28.13 15.39 -18.89
C GLU D 46 -29.04 16.51 -18.39
N GLY D 47 -28.42 17.54 -17.86
CA GLY D 47 -29.12 18.69 -17.32
C GLY D 47 -29.09 18.71 -15.80
N VAL D 48 -29.56 19.82 -15.25
CA VAL D 48 -29.57 20.03 -13.81
C VAL D 48 -30.84 19.47 -13.18
N ASP D 49 -32.00 19.64 -13.83
CA ASP D 49 -33.24 19.15 -13.26
C ASP D 49 -33.29 17.64 -13.19
N SER D 50 -32.65 16.95 -14.14
CA SER D 50 -32.57 15.49 -14.06
C SER D 50 -31.80 15.07 -12.81
N LEU D 51 -30.71 15.76 -12.51
CA LEU D 51 -29.95 15.49 -11.29
C LEU D 51 -30.81 15.64 -10.05
N LYS D 52 -31.54 16.76 -9.95
CA LYS D 52 -32.38 17.01 -8.79
C LYS D 52 -33.49 15.97 -8.67
N ALA D 53 -34.12 15.61 -9.80
CA ALA D 53 -35.18 14.62 -9.78
C ALA D 53 -34.65 13.26 -9.31
N ALA D 54 -33.49 12.85 -9.81
CA ALA D 54 -32.91 11.59 -9.37
C ALA D 54 -32.58 11.61 -7.89
N ILE D 55 -31.99 12.72 -7.41
CA ILE D 55 -31.63 12.82 -6.00
C ILE D 55 -32.86 12.76 -5.11
N GLN D 56 -33.94 13.44 -5.52
CA GLN D 56 -35.14 13.44 -4.70
C GLN D 56 -35.87 12.10 -4.75
N SER D 57 -35.82 11.40 -5.89
CA SER D 57 -36.36 10.05 -5.95
C SER D 57 -35.59 9.11 -5.02
N ARG D 58 -34.26 9.23 -5.02
CA ARG D 58 -33.46 8.46 -4.07
C ARG D 58 -33.78 8.84 -2.63
N GLN D 59 -34.09 10.11 -2.38
CA GLN D 59 -34.48 10.52 -1.04
C GLN D 59 -35.79 9.87 -0.61
N LYS D 60 -36.77 9.79 -1.53
CA LYS D 60 -38.00 9.09 -1.21
C LYS D 60 -37.74 7.61 -0.93
N ASP D 61 -36.89 6.99 -1.74
CA ASP D 61 -36.56 5.58 -1.54
C ASP D 61 -35.91 5.37 -0.18
N ARG D 62 -34.95 6.21 0.18
CA ARG D 62 -34.28 6.09 1.47
C ARG D 62 -35.25 6.38 2.62
N GLN D 63 -36.22 7.27 2.40
CA GLN D 63 -37.22 7.53 3.43
C GLN D 63 -38.04 6.27 3.71
N LYS D 64 -38.53 5.62 2.65
CA LYS D 64 -39.26 4.38 2.84
C LYS D 64 -38.38 3.29 3.44
N GLU D 65 -37.09 3.28 3.09
CA GLU D 65 -36.18 2.28 3.62
C GLU D 65 -35.99 2.44 5.12
N MET D 66 -35.75 3.68 5.58
CA MET D 66 -35.60 3.89 7.02
C MET D 66 -36.92 3.70 7.75
N ASP D 67 -38.05 3.96 7.08
CA ASP D 67 -39.34 3.62 7.67
C ASP D 67 -39.42 2.13 7.96
N ASN D 68 -39.05 1.30 6.98
CA ASN D 68 -39.01 -0.15 7.20
C ASN D 68 -38.03 -0.52 8.31
N PHE D 69 -36.87 0.14 8.34
CA PHE D 69 -35.86 -0.17 9.35
C PHE D 69 -36.38 0.11 10.75
N LEU D 70 -36.98 1.28 10.95
CA LEU D 70 -37.53 1.61 12.26
C LEU D 70 -38.72 0.71 12.60
N ALA D 71 -39.47 0.27 11.58
CA ALA D 71 -40.53 -0.71 11.84
C ALA D 71 -39.94 -2.00 12.37
N GLN D 72 -38.82 -2.45 11.81
CA GLN D 72 -38.14 -3.64 12.33
C GLN D 72 -37.67 -3.42 13.76
N MET D 73 -37.03 -2.28 14.01
CA MET D 73 -36.54 -1.97 15.36
C MET D 73 -37.69 -1.98 16.36
N GLU D 74 -38.85 -1.45 15.98
CA GLU D 74 -40.00 -1.44 16.87
C GLU D 74 -40.55 -2.85 17.06
N ALA D 75 -40.66 -3.62 15.97
CA ALA D 75 -41.15 -4.99 16.09
C ALA D 75 -40.22 -5.87 16.91
N LYS D 76 -38.97 -5.44 17.11
CA LYS D 76 -38.03 -6.24 17.88
C LYS D 76 -37.85 -5.77 19.33
N TYR D 77 -37.90 -4.46 19.58
CA TYR D 77 -37.54 -3.94 20.90
C TYR D 77 -38.66 -3.20 21.63
N SER D 78 -39.82 -2.99 21.01
CA SER D 78 -40.86 -2.22 21.66
C SER D 78 -41.67 -3.08 22.62
N LYS D 79 -42.29 -2.42 23.59
CA LYS D 79 -43.17 -3.11 24.53
C LYS D 79 -44.48 -3.51 23.88
N SER D 80 -44.90 -2.81 22.82
CA SER D 80 -46.10 -3.21 22.10
C SER D 80 -45.88 -4.52 21.35
N SER D 81 -44.70 -4.68 20.74
CA SER D 81 -44.42 -5.89 19.97
C SER D 81 -44.22 -7.09 20.89
N LYS D 82 -43.53 -6.90 22.01
CA LYS D 82 -43.38 -7.97 22.99
C LYS D 82 -44.73 -8.34 23.60
N GLY D 83 -45.40 -7.36 24.20
CA GLY D 83 -46.69 -7.58 24.83
C GLY D 83 -46.59 -7.68 26.34
N GLU E 3 21.60 -16.84 8.38
CA GLU E 3 22.45 -16.66 7.22
C GLU E 3 21.69 -16.93 5.93
N LEU E 4 20.44 -16.43 5.88
CA LEU E 4 19.57 -16.62 4.73
C LEU E 4 19.66 -15.41 3.80
N LEU E 5 19.79 -15.68 2.50
CA LEU E 5 19.81 -14.61 1.50
C LEU E 5 18.67 -14.72 0.52
N ILE E 6 18.49 -15.86 -0.12
CA ILE E 6 17.42 -16.09 -1.10
C ILE E 6 16.78 -17.44 -0.81
N ARG E 7 15.46 -17.50 -0.95
CA ARG E 7 14.76 -18.76 -0.81
C ARG E 7 15.07 -19.69 -1.99
N LYS E 8 14.98 -21.00 -1.74
CA LYS E 8 15.43 -21.98 -2.71
C LYS E 8 14.38 -22.28 -3.76
N LEU E 9 13.12 -22.44 -3.35
CA LEU E 9 12.07 -22.80 -4.30
C LEU E 9 11.80 -21.71 -5.33
N PRO E 10 11.62 -20.43 -4.95
CA PRO E 10 11.41 -19.41 -5.99
C PRO E 10 12.59 -19.27 -6.92
N PHE E 11 13.82 -19.41 -6.40
CA PHE E 11 15.00 -19.32 -7.25
C PHE E 11 15.07 -20.49 -8.23
N GLN E 12 14.72 -21.68 -7.77
CA GLN E 12 14.66 -22.84 -8.66
C GLN E 12 13.64 -22.63 -9.77
N ARG E 13 12.44 -22.18 -9.40
CA ARG E 13 11.42 -21.91 -10.42
C ARG E 13 11.87 -20.82 -11.37
N LEU E 14 12.63 -19.83 -10.87
CA LEU E 14 13.11 -18.75 -11.71
C LEU E 14 14.10 -19.26 -12.74
N VAL E 15 15.08 -20.05 -12.31
CA VAL E 15 16.05 -20.57 -13.27
C VAL E 15 15.37 -21.51 -14.26
N ARG E 16 14.35 -22.25 -13.82
CA ARG E 16 13.65 -23.14 -14.73
C ARG E 16 12.85 -22.36 -15.77
N GLU E 17 12.25 -21.24 -15.37
CA GLU E 17 11.53 -20.42 -16.34
C GLU E 17 12.49 -19.80 -17.35
N ILE E 18 13.60 -19.23 -16.86
CA ILE E 18 14.57 -18.60 -17.77
C ILE E 18 15.17 -19.63 -18.71
N ALA E 19 15.30 -20.89 -18.25
CA ALA E 19 15.77 -21.94 -19.14
C ALA E 19 14.68 -22.34 -20.15
N GLN E 20 13.43 -22.36 -19.72
CA GLN E 20 12.32 -22.64 -20.64
C GLN E 20 12.27 -21.61 -21.75
N ASP E 21 12.65 -20.36 -21.46
CA ASP E 21 12.68 -19.34 -22.50
C ASP E 21 13.74 -19.61 -23.57
N PHE E 22 14.67 -20.53 -23.32
CA PHE E 22 15.73 -20.84 -24.28
C PHE E 22 15.50 -22.17 -24.98
N LYS E 23 15.33 -23.25 -24.22
CA LYS E 23 15.11 -24.58 -24.78
C LYS E 23 14.25 -25.37 -23.80
N THR E 24 13.20 -26.01 -24.33
CA THR E 24 12.24 -26.71 -23.48
C THR E 24 12.68 -28.15 -23.25
N ASP E 25 11.88 -28.87 -22.45
CA ASP E 25 12.12 -30.28 -22.14
C ASP E 25 13.43 -30.50 -21.38
N LEU E 26 13.89 -29.48 -20.67
CA LEU E 26 15.16 -29.53 -19.96
C LEU E 26 14.94 -29.74 -18.47
N ARG E 27 15.91 -30.40 -17.83
CA ARG E 27 15.89 -30.64 -16.40
C ARG E 27 17.19 -30.17 -15.79
N PHE E 28 17.17 -29.96 -14.48
CA PHE E 28 18.31 -29.45 -13.74
C PHE E 28 18.73 -30.44 -12.67
N GLN E 29 19.97 -30.29 -12.20
CA GLN E 29 20.49 -31.08 -11.09
C GLN E 29 20.51 -30.22 -9.82
N SER E 30 20.38 -30.89 -8.68
CA SER E 30 20.32 -30.17 -7.40
C SER E 30 21.61 -29.40 -7.15
N ALA E 31 22.76 -30.04 -7.35
CA ALA E 31 24.03 -29.34 -7.18
C ALA E 31 24.18 -28.20 -8.17
N ALA E 32 23.61 -28.33 -9.37
CA ALA E 32 23.69 -27.25 -10.35
C ALA E 32 22.96 -26.02 -9.85
N ILE E 33 21.72 -26.18 -9.38
CA ILE E 33 20.96 -25.04 -8.87
C ILE E 33 21.59 -24.50 -7.59
N GLY E 34 22.18 -25.36 -6.77
CA GLY E 34 22.88 -24.87 -5.59
C GLY E 34 24.09 -24.02 -5.93
N ALA E 35 24.85 -24.44 -6.94
CA ALA E 35 25.99 -23.63 -7.37
C ALA E 35 25.54 -22.32 -8.00
N LEU E 36 24.47 -22.36 -8.79
CA LEU E 36 23.89 -21.11 -9.31
C LEU E 36 23.50 -20.19 -8.17
N GLN E 37 22.87 -20.74 -7.12
CA GLN E 37 22.46 -19.94 -5.97
C GLN E 37 23.66 -19.30 -5.30
N GLU E 38 24.68 -20.11 -4.98
CA GLU E 38 25.87 -19.56 -4.32
C GLU E 38 26.52 -18.47 -5.17
N ALA E 39 26.67 -18.71 -6.47
CA ALA E 39 27.34 -17.76 -7.34
C ALA E 39 26.56 -16.45 -7.42
N SER E 40 25.26 -16.53 -7.71
CA SER E 40 24.47 -15.31 -7.83
C SER E 40 24.38 -14.56 -6.50
N GLU E 41 24.31 -15.28 -5.37
CA GLU E 41 24.24 -14.60 -4.08
C GLU E 41 25.56 -13.89 -3.76
N ALA E 42 26.69 -14.54 -4.03
CA ALA E 42 27.97 -13.87 -3.82
C ALA E 42 28.09 -12.65 -4.72
N TYR E 43 27.65 -12.78 -5.98
CA TYR E 43 27.67 -11.65 -6.91
C TYR E 43 26.85 -10.48 -6.36
N LEU E 44 25.64 -10.76 -5.89
CA LEU E 44 24.77 -9.69 -5.40
C LEU E 44 25.32 -9.08 -4.11
N VAL E 45 25.90 -9.89 -3.23
CA VAL E 45 26.43 -9.35 -1.98
C VAL E 45 27.65 -8.47 -2.25
N GLY E 46 28.53 -8.90 -3.17
CA GLY E 46 29.66 -8.05 -3.52
C GLY E 46 29.24 -6.77 -4.20
N LEU E 47 28.25 -6.85 -5.10
CA LEU E 47 27.74 -5.65 -5.73
C LEU E 47 27.13 -4.71 -4.70
N PHE E 48 26.42 -5.26 -3.71
CA PHE E 48 25.84 -4.43 -2.67
C PHE E 48 26.92 -3.77 -1.82
N GLU E 49 28.00 -4.49 -1.52
CA GLU E 49 29.12 -3.89 -0.81
C GLU E 49 29.69 -2.70 -1.60
N ASP E 50 29.95 -2.90 -2.88
CA ASP E 50 30.54 -1.85 -3.69
C ASP E 50 29.61 -0.65 -3.82
N THR E 51 28.30 -0.90 -3.97
CA THR E 51 27.34 0.20 -4.09
C THR E 51 27.18 0.94 -2.78
N ASN E 52 27.24 0.22 -1.65
CA ASN E 52 27.19 0.88 -0.36
C ASN E 52 28.42 1.76 -0.16
N LEU E 53 29.59 1.30 -0.61
CA LEU E 53 30.78 2.14 -0.56
C LEU E 53 30.61 3.38 -1.43
N CYS E 54 30.07 3.21 -2.64
CA CYS E 54 29.82 4.36 -3.51
C CYS E 54 28.86 5.35 -2.87
N ALA E 55 27.86 4.84 -2.15
CA ALA E 55 26.92 5.72 -1.45
C ALA E 55 27.61 6.48 -0.33
N ILE E 56 28.41 5.76 0.47
CA ILE E 56 29.08 6.39 1.61
C ILE E 56 30.04 7.47 1.14
N HIS E 57 30.71 7.23 0.00
CA HIS E 57 31.54 8.29 -0.59
C HIS E 57 30.69 9.49 -0.98
N ALA E 58 29.48 9.24 -1.48
CA ALA E 58 28.54 10.30 -1.82
C ALA E 58 27.86 10.92 -0.60
N LYS E 59 28.38 10.66 0.59
CA LYS E 59 27.85 11.18 1.85
C LYS E 59 26.42 10.71 2.12
N ARG E 60 26.03 9.59 1.52
CA ARG E 60 24.71 9.00 1.69
C ARG E 60 24.83 7.60 2.26
N VAL E 61 23.78 7.16 2.96
CA VAL E 61 23.69 5.77 3.41
C VAL E 61 22.50 5.05 2.80
N THR E 62 21.58 5.76 2.16
CA THR E 62 20.50 5.14 1.40
C THR E 62 20.97 4.92 -0.03
N ILE E 63 21.01 3.67 -0.46
CA ILE E 63 21.50 3.32 -1.78
C ILE E 63 20.36 3.40 -2.79
N MET E 64 20.71 3.77 -4.01
CA MET E 64 19.78 3.99 -5.11
C MET E 64 20.33 3.35 -6.36
N PRO E 65 19.55 3.33 -7.45
CA PRO E 65 20.11 2.81 -8.72
C PRO E 65 21.32 3.60 -9.24
N LYS E 66 21.48 4.86 -8.83
CA LYS E 66 22.56 5.68 -9.36
C LYS E 66 23.92 5.08 -9.03
N ASP E 67 24.24 4.96 -7.74
CA ASP E 67 25.51 4.38 -7.34
C ASP E 67 25.60 2.89 -7.69
N ILE E 68 24.46 2.23 -7.93
CA ILE E 68 24.50 0.85 -8.41
C ILE E 68 25.11 0.80 -9.80
N GLN E 69 24.57 1.61 -10.72
CA GLN E 69 25.16 1.71 -12.05
C GLN E 69 26.60 2.21 -11.97
N LEU E 70 26.88 3.11 -11.03
CA LEU E 70 28.24 3.61 -10.85
C LEU E 70 29.20 2.49 -10.49
N ALA E 71 28.84 1.67 -9.50
CA ALA E 71 29.68 0.56 -9.11
C ALA E 71 29.81 -0.48 -10.22
N ARG E 72 28.74 -0.69 -11.00
CA ARG E 72 28.85 -1.59 -12.14
C ARG E 72 29.85 -1.07 -13.16
N ARG E 73 29.84 0.23 -13.43
CA ARG E 73 30.83 0.81 -14.34
C ARG E 73 32.23 0.71 -13.77
N ILE E 74 32.36 0.86 -12.45
CA ILE E 74 33.67 0.79 -11.81
C ILE E 74 34.25 -0.61 -11.91
N ARG E 75 33.42 -1.62 -11.64
CA ARG E 75 33.88 -3.01 -11.74
C ARG E 75 34.14 -3.43 -13.18
N GLY E 76 33.63 -2.69 -14.15
CA GLY E 76 33.85 -3.00 -15.54
C GLY E 76 32.77 -3.81 -16.22
N GLU E 77 31.54 -3.70 -15.77
CA GLU E 77 30.44 -4.47 -16.37
C GLU E 77 29.84 -3.72 -17.55
N ARG E 78 29.10 -4.46 -18.37
CA ARG E 78 28.56 -3.91 -19.60
C ARG E 78 27.46 -2.88 -19.29
N ALA E 79 26.99 -2.21 -20.33
CA ALA E 79 25.95 -1.20 -20.20
C ALA E 79 24.62 -1.83 -19.79
N LEU F 22 5.19 -21.86 -17.22
CA LEU F 22 6.07 -21.10 -16.35
C LEU F 22 6.14 -19.63 -16.76
N ARG F 23 5.60 -18.76 -15.90
CA ARG F 23 5.59 -17.33 -16.18
C ARG F 23 5.49 -16.57 -14.86
N ASP F 24 5.84 -15.29 -14.93
CA ASP F 24 5.76 -14.36 -13.80
C ASP F 24 6.63 -14.79 -12.62
N ASN F 25 7.58 -15.68 -12.84
CA ASN F 25 8.46 -16.12 -11.75
C ASN F 25 9.57 -15.11 -11.46
N ILE F 26 9.60 -13.97 -12.16
CA ILE F 26 10.56 -12.93 -11.84
C ILE F 26 10.26 -12.33 -10.47
N GLN F 27 8.97 -12.18 -10.14
CA GLN F 27 8.58 -11.72 -8.81
C GLN F 27 8.88 -12.75 -7.73
N GLY F 28 9.36 -13.94 -8.09
CA GLY F 28 9.93 -14.86 -7.12
C GLY F 28 11.07 -14.27 -6.33
N ILE F 29 11.62 -13.14 -6.77
CA ILE F 29 12.58 -12.38 -5.97
C ILE F 29 11.80 -11.73 -4.83
N THR F 30 11.90 -12.34 -3.65
CA THR F 30 11.22 -11.80 -2.48
C THR F 30 11.87 -10.49 -2.09
N LYS F 31 11.08 -9.43 -1.96
CA LYS F 31 11.64 -8.15 -1.53
C LYS F 31 12.33 -8.27 -0.18
N PRO F 32 11.81 -9.02 0.79
CA PRO F 32 12.66 -9.41 1.93
C PRO F 32 13.97 -10.06 1.55
N ALA F 33 14.05 -10.81 0.44
CA ALA F 33 15.33 -11.36 0.04
C ALA F 33 16.28 -10.27 -0.46
N ILE F 34 15.74 -9.27 -1.16
CA ILE F 34 16.56 -8.10 -1.53
C ILE F 34 17.07 -7.41 -0.28
N ARG F 35 16.20 -7.29 0.74
CA ARG F 35 16.63 -6.67 2.00
C ARG F 35 17.71 -7.49 2.69
N ARG F 36 17.57 -8.82 2.68
CA ARG F 36 18.59 -9.68 3.29
C ARG F 36 19.92 -9.56 2.55
N LEU F 37 19.87 -9.51 1.21
CA LEU F 37 21.11 -9.36 0.44
C LEU F 37 21.77 -8.02 0.73
N ALA F 38 20.99 -6.94 0.79
CA ALA F 38 21.56 -5.63 1.11
C ALA F 38 22.13 -5.63 2.51
N ARG F 39 21.48 -6.31 3.46
CA ARG F 39 21.96 -6.33 4.83
C ARG F 39 23.27 -7.08 4.94
N ARG F 40 23.34 -8.29 4.39
CA ARG F 40 24.60 -9.03 4.39
C ARG F 40 25.70 -8.27 3.64
N GLY F 41 25.32 -7.50 2.62
CA GLY F 41 26.27 -6.65 1.93
C GLY F 41 26.68 -5.41 2.69
N GLY F 42 26.13 -5.18 3.88
CA GLY F 42 26.53 -4.06 4.70
C GLY F 42 25.76 -2.78 4.48
N VAL F 43 24.59 -2.85 3.86
CA VAL F 43 23.79 -1.65 3.56
C VAL F 43 22.97 -1.27 4.78
N LYS F 44 22.93 0.03 5.07
CA LYS F 44 22.15 0.55 6.19
C LYS F 44 20.71 0.88 5.79
N ARG F 45 20.55 1.75 4.79
CA ARG F 45 19.24 2.16 4.31
C ARG F 45 19.12 1.88 2.83
N ILE F 46 17.88 1.74 2.37
CA ILE F 46 17.58 1.32 1.00
C ILE F 46 16.48 2.21 0.44
N SER F 47 16.67 2.64 -0.81
CA SER F 47 15.65 3.41 -1.50
C SER F 47 14.61 2.51 -2.12
N GLY F 48 13.41 3.05 -2.33
CA GLY F 48 12.31 2.29 -2.89
C GLY F 48 12.48 1.90 -4.34
N LEU F 49 13.42 2.52 -5.05
CA LEU F 49 13.62 2.24 -6.47
C LEU F 49 14.59 1.09 -6.73
N ILE F 50 15.33 0.62 -5.73
CA ILE F 50 16.37 -0.36 -5.97
C ILE F 50 15.83 -1.76 -6.21
N TYR F 51 14.57 -2.02 -5.87
CA TYR F 51 14.02 -3.37 -6.01
C TYR F 51 14.01 -3.80 -7.47
N GLU F 52 13.42 -2.98 -8.35
CA GLU F 52 13.37 -3.32 -9.77
C GLU F 52 14.76 -3.37 -10.38
N GLU F 53 15.68 -2.52 -9.91
CA GLU F 53 17.04 -2.50 -10.46
C GLU F 53 17.78 -3.78 -10.10
N THR F 54 17.69 -4.19 -8.84
CA THR F 54 18.27 -5.46 -8.40
C THR F 54 17.69 -6.62 -9.21
N ARG F 55 16.36 -6.64 -9.36
CA ARG F 55 15.75 -7.72 -10.12
C ARG F 55 16.26 -7.74 -11.56
N GLY F 56 16.41 -6.57 -12.18
CA GLY F 56 16.87 -6.51 -13.55
C GLY F 56 18.30 -6.98 -13.72
N VAL F 57 19.20 -6.52 -12.84
CA VAL F 57 20.61 -6.91 -12.97
C VAL F 57 20.77 -8.40 -12.70
N LEU F 58 20.07 -8.93 -11.69
CA LEU F 58 20.14 -10.35 -11.43
C LEU F 58 19.55 -11.16 -12.59
N LYS F 59 18.49 -10.64 -13.21
CA LYS F 59 17.90 -11.32 -14.35
C LYS F 59 18.88 -11.38 -15.52
N VAL F 60 19.58 -10.28 -15.79
CA VAL F 60 20.55 -10.27 -16.89
C VAL F 60 21.68 -11.25 -16.60
N PHE F 61 22.19 -11.23 -15.36
CA PHE F 61 23.24 -12.17 -14.95
C PHE F 61 22.81 -13.61 -15.18
N LEU F 62 21.62 -13.97 -14.68
CA LEU F 62 21.13 -15.33 -14.82
C LEU F 62 20.87 -15.69 -16.28
N GLU F 63 20.35 -14.75 -17.06
CA GLU F 63 20.14 -15.01 -18.49
C GLU F 63 21.43 -15.40 -19.17
N ASN F 64 22.49 -14.60 -18.95
CA ASN F 64 23.78 -14.90 -19.57
C ASN F 64 24.28 -16.28 -19.15
N VAL F 65 24.36 -16.52 -17.83
CA VAL F 65 24.99 -17.75 -17.38
C VAL F 65 24.15 -18.97 -17.79
N ILE F 66 22.82 -18.84 -17.79
CA ILE F 66 21.95 -19.97 -18.11
C ILE F 66 21.97 -20.26 -19.59
N ARG F 67 22.04 -19.23 -20.43
CA ARG F 67 22.20 -19.49 -21.87
C ARG F 67 23.52 -20.19 -22.15
N ASP F 68 24.60 -19.78 -21.47
CA ASP F 68 25.88 -20.47 -21.63
C ASP F 68 25.75 -21.94 -21.23
N ALA F 69 25.16 -22.20 -20.05
CA ALA F 69 25.03 -23.58 -19.58
C ALA F 69 24.12 -24.40 -20.48
N VAL F 70 23.10 -23.78 -21.07
CA VAL F 70 22.19 -24.51 -21.96
C VAL F 70 22.89 -24.89 -23.25
N THR F 71 23.68 -23.97 -23.82
CA THR F 71 24.48 -24.33 -24.98
C THR F 71 25.45 -25.45 -24.64
N TYR F 72 26.07 -25.39 -23.47
CA TYR F 72 26.98 -26.45 -23.02
C TYR F 72 26.26 -27.79 -22.97
N THR F 73 25.08 -27.83 -22.33
CA THR F 73 24.38 -29.09 -22.17
C THR F 73 23.77 -29.60 -23.47
N GLU F 74 23.52 -28.71 -24.44
CA GLU F 74 23.01 -29.16 -25.73
C GLU F 74 24.14 -29.74 -26.59
N HIS F 75 25.32 -29.12 -26.54
CA HIS F 75 26.46 -29.73 -27.22
C HIS F 75 26.87 -31.07 -26.59
N ALA F 76 26.36 -31.38 -25.40
CA ALA F 76 26.61 -32.66 -24.76
C ALA F 76 25.54 -33.70 -25.09
N LYS F 77 24.61 -33.38 -25.98
CA LYS F 77 23.60 -34.33 -26.48
C LYS F 77 22.70 -34.85 -25.36
N ARG F 78 22.44 -34.03 -24.33
CA ARG F 78 21.57 -34.45 -23.24
C ARG F 78 20.65 -33.29 -22.86
N LYS F 79 19.55 -33.63 -22.20
CA LYS F 79 18.54 -32.64 -21.81
C LYS F 79 18.64 -32.21 -20.35
N THR F 80 19.33 -32.96 -19.51
CA THR F 80 19.48 -32.62 -18.09
C THR F 80 20.84 -31.96 -17.89
N VAL F 81 20.83 -30.72 -17.41
CA VAL F 81 22.08 -30.00 -17.19
C VAL F 81 22.78 -30.55 -15.95
N THR F 82 24.10 -30.55 -15.98
CA THR F 82 24.91 -31.05 -14.89
C THR F 82 25.41 -29.88 -14.04
N ALA F 83 26.08 -30.22 -12.94
CA ALA F 83 26.79 -29.21 -12.17
C ALA F 83 28.03 -28.73 -12.92
N MET F 84 28.62 -29.60 -13.75
CA MET F 84 29.78 -29.20 -14.52
C MET F 84 29.40 -28.26 -15.66
N ASP F 85 28.19 -28.39 -16.21
CA ASP F 85 27.68 -27.39 -17.14
C ASP F 85 27.67 -26.01 -16.49
N VAL F 86 27.18 -25.94 -15.25
CA VAL F 86 27.15 -24.68 -14.52
C VAL F 86 28.57 -24.19 -14.24
N VAL F 87 29.48 -25.11 -13.91
CA VAL F 87 30.86 -24.72 -13.63
C VAL F 87 31.51 -24.12 -14.87
N TYR F 88 31.30 -24.76 -16.03
CA TYR F 88 31.87 -24.24 -17.27
C TYR F 88 31.23 -22.92 -17.66
N ALA F 89 29.92 -22.76 -17.41
CA ALA F 89 29.27 -21.48 -17.68
C ALA F 89 29.86 -20.38 -16.80
N LEU F 90 30.12 -20.69 -15.52
CA LEU F 90 30.72 -19.70 -14.63
C LEU F 90 32.14 -19.35 -15.08
N LYS F 91 32.92 -20.35 -15.47
CA LYS F 91 34.27 -20.09 -15.97
C LYS F 91 34.23 -19.20 -17.20
N ARG F 92 33.29 -19.46 -18.12
CA ARG F 92 33.20 -18.66 -19.34
C ARG F 92 32.72 -17.25 -19.03
N GLN F 93 31.82 -17.10 -18.06
CA GLN F 93 31.27 -15.78 -17.78
C GLN F 93 32.26 -14.91 -17.02
N GLY F 94 33.04 -15.50 -16.11
CA GLY F 94 33.99 -14.73 -15.33
C GLY F 94 35.05 -14.01 -16.14
N ARG F 95 35.18 -14.32 -17.43
CA ARG F 95 36.19 -13.67 -18.26
C ARG F 95 35.66 -12.36 -18.84
N THR F 96 34.39 -12.34 -19.26
CA THR F 96 33.77 -11.16 -19.85
C THR F 96 32.83 -10.43 -18.90
N LEU F 97 32.50 -11.03 -17.75
CA LEU F 97 31.60 -10.36 -16.81
C LEU F 97 32.14 -9.00 -16.37
N TYR F 98 33.47 -8.84 -16.37
CA TYR F 98 34.11 -7.58 -16.04
C TYR F 98 35.17 -7.22 -17.06
N GLY F 99 34.88 -7.49 -18.34
CA GLY F 99 35.79 -7.20 -19.42
C GLY F 99 35.89 -5.75 -19.83
N PHE F 100 35.25 -4.85 -19.09
CA PHE F 100 35.25 -3.42 -19.39
C PHE F 100 34.76 -3.13 -20.81
N GLU G 7 13.24 11.12 -0.54
CA GLU G 7 11.96 10.86 0.11
C GLU G 7 11.96 9.50 0.83
N ASP G 8 12.37 8.46 0.11
CA ASP G 8 12.35 7.10 0.63
C ASP G 8 13.60 6.87 1.48
N GLY G 9 13.40 6.67 2.78
CA GLY G 9 14.49 6.36 3.68
C GLY G 9 14.30 4.99 4.32
N GLU G 10 13.84 4.02 3.54
CA GLU G 10 13.55 2.69 4.04
C GLU G 10 14.80 2.05 4.64
N GLU G 11 14.79 1.84 5.95
CA GLU G 11 15.93 1.36 6.69
C GLU G 11 15.85 -0.16 6.86
N LEU G 12 17.02 -0.78 6.96
CA LEU G 12 17.13 -2.22 7.14
C LEU G 12 17.56 -2.62 8.54
N ILE G 13 18.45 -1.83 9.16
CA ILE G 13 18.83 -2.09 10.54
C ILE G 13 17.65 -1.87 11.47
N GLY G 14 16.68 -1.04 11.07
CA GLY G 14 15.47 -0.81 11.84
C GLY G 14 14.80 -2.09 12.28
N ASP G 15 14.44 -2.17 13.56
CA ASP G 15 13.94 -3.41 14.13
C ASP G 15 12.66 -3.87 13.44
N GLY G 16 12.32 -5.13 13.67
CA GLY G 16 11.24 -5.77 12.95
C GLY G 16 11.69 -6.69 11.84
N MET G 17 12.94 -7.16 11.86
CA MET G 17 13.46 -8.03 10.82
C MET G 17 13.01 -9.48 11.06
N GLU G 18 11.70 -9.65 11.15
CA GLU G 18 11.12 -10.99 11.28
C GLU G 18 10.70 -11.52 9.91
N ARG G 19 9.73 -10.83 9.27
CA ARG G 19 9.20 -11.28 7.99
C ARG G 19 10.28 -11.47 6.94
N ASP G 20 11.45 -10.87 7.13
CA ASP G 20 12.59 -11.10 6.25
C ASP G 20 13.45 -12.26 6.74
N TYR G 21 13.82 -12.24 8.02
CA TYR G 21 14.80 -13.18 8.54
C TYR G 21 14.19 -14.48 9.07
N ARG G 22 12.89 -14.51 9.34
CA ARG G 22 12.26 -15.73 9.80
C ARG G 22 12.30 -16.79 8.70
N ALA G 23 12.36 -18.05 9.12
CA ALA G 23 12.47 -19.17 8.19
C ALA G 23 11.12 -19.87 8.10
N ILE G 24 10.60 -19.98 6.89
CA ILE G 24 9.37 -20.74 6.65
C ILE G 24 9.73 -21.99 5.87
N PRO G 25 9.09 -23.12 6.12
CA PRO G 25 9.55 -24.39 5.53
C PRO G 25 9.22 -24.54 4.06
N GLU G 26 8.16 -23.87 3.60
CA GLU G 26 7.68 -24.06 2.24
C GLU G 26 8.64 -23.49 1.19
N LEU G 27 9.53 -22.57 1.59
CA LEU G 27 10.41 -21.91 0.64
C LEU G 27 11.89 -22.19 0.87
N ASP G 28 12.27 -22.71 2.04
CA ASP G 28 13.67 -22.99 2.35
C ASP G 28 14.13 -24.35 1.85
N ALA G 29 13.44 -24.93 0.87
CA ALA G 29 13.79 -26.23 0.33
C ALA G 29 13.56 -26.26 -1.17
N TYR G 30 14.35 -27.06 -1.86
CA TYR G 30 14.21 -27.23 -3.31
C TYR G 30 13.03 -28.14 -3.62
N GLU G 31 12.28 -27.77 -4.65
CA GLU G 31 11.15 -28.59 -5.10
C GLU G 31 11.63 -29.68 -6.04
N ALA G 32 11.06 -30.88 -5.89
CA ALA G 32 11.50 -32.04 -6.64
C ALA G 32 11.13 -31.96 -8.13
N GLU G 33 10.23 -31.07 -8.52
CA GLU G 33 9.82 -31.00 -9.90
C GLU G 33 10.91 -30.38 -10.75
N GLY G 34 11.22 -31.02 -11.88
CA GLY G 34 12.25 -30.52 -12.77
C GLY G 34 13.66 -30.68 -12.24
N LEU G 35 13.90 -31.70 -11.41
CA LEU G 35 15.22 -31.95 -10.85
C LEU G 35 15.74 -33.29 -11.34
N ALA G 36 17.07 -33.42 -11.34
CA ALA G 36 17.75 -34.63 -11.80
C ALA G 36 18.05 -35.51 -10.60
N LEU G 37 17.27 -36.59 -10.46
CA LEU G 37 17.49 -37.60 -9.43
C LEU G 37 17.89 -38.93 -10.05
N ASP G 38 18.59 -38.89 -11.18
CA ASP G 38 18.91 -40.10 -11.94
C ASP G 38 20.35 -40.01 -12.43
N ASP G 39 20.75 -41.03 -13.19
CA ASP G 39 22.04 -41.03 -13.89
C ASP G 39 21.86 -41.56 -15.31
N GLU G 40 20.69 -41.34 -15.90
CA GLU G 40 20.42 -41.87 -17.24
C GLU G 40 21.27 -41.15 -18.29
N ASP G 41 21.25 -39.81 -18.29
CA ASP G 41 22.05 -39.02 -19.22
C ASP G 41 22.64 -37.85 -18.43
N VAL G 42 23.83 -38.07 -17.87
CA VAL G 42 24.51 -37.07 -17.04
C VAL G 42 25.95 -36.95 -17.52
N GLU G 43 26.34 -37.81 -18.46
CA GLU G 43 27.73 -37.94 -18.87
C GLU G 43 28.36 -36.59 -19.17
N GLU G 44 29.62 -36.45 -18.77
CA GLU G 44 30.31 -35.16 -18.82
C GLU G 44 30.67 -34.77 -20.25
N LEU G 45 30.76 -33.46 -20.47
CA LEU G 45 31.14 -32.94 -21.78
C LEU G 45 32.51 -33.47 -22.21
N THR G 46 32.62 -33.79 -23.49
CA THR G 46 33.91 -34.09 -24.09
C THR G 46 34.58 -32.80 -24.53
N ALA G 47 35.89 -32.90 -24.81
CA ALA G 47 36.64 -31.71 -25.20
C ALA G 47 36.21 -31.22 -26.58
N SER G 48 35.90 -32.12 -27.50
CA SER G 48 35.37 -31.71 -28.80
C SER G 48 34.04 -31.00 -28.65
N GLN G 49 33.14 -31.57 -27.83
CA GLN G 49 31.83 -30.96 -27.62
C GLN G 49 31.95 -29.61 -26.91
N ARG G 50 32.78 -29.55 -25.86
CA ARG G 50 32.96 -28.28 -25.16
C ARG G 50 33.56 -27.22 -26.07
N GLU G 51 34.55 -27.60 -26.87
CA GLU G 51 35.18 -26.63 -27.77
C GLU G 51 34.22 -26.16 -28.85
N ALA G 52 33.39 -27.07 -29.39
CA ALA G 52 32.40 -26.66 -30.37
C ALA G 52 31.37 -25.72 -29.76
N ALA G 53 30.92 -26.04 -28.54
CA ALA G 53 29.99 -25.16 -27.85
C ALA G 53 30.60 -23.78 -27.62
N GLU G 54 31.89 -23.75 -27.25
CA GLU G 54 32.53 -22.46 -27.00
C GLU G 54 32.73 -21.67 -28.29
N ARG G 55 33.02 -22.35 -29.40
CA ARG G 55 33.11 -21.65 -30.69
C ARG G 55 31.77 -21.07 -31.08
N ALA G 56 30.69 -21.85 -30.90
CA ALA G 56 29.36 -21.35 -31.22
C ALA G 56 28.99 -20.16 -30.34
N MET G 57 29.29 -20.25 -29.05
CA MET G 57 28.97 -19.14 -28.14
C MET G 57 29.82 -17.92 -28.41
N ARG G 58 31.06 -18.10 -28.86
CA ARG G 58 31.90 -16.96 -29.22
C ARG G 58 31.37 -16.28 -30.47
N GLN G 59 30.93 -17.07 -31.46
CA GLN G 59 30.29 -16.48 -32.63
C GLN G 59 29.02 -15.75 -32.24
N ARG G 60 28.26 -16.30 -31.29
CA ARG G 60 27.06 -15.63 -30.80
C ARG G 60 27.38 -14.29 -30.16
N ASP G 61 28.35 -14.28 -29.23
CA ASP G 61 28.73 -13.02 -28.57
C ASP G 61 29.35 -12.04 -29.54
N ARG G 62 29.98 -12.53 -30.62
CA ARG G 62 30.53 -11.63 -31.63
C ARG G 62 29.42 -10.98 -32.44
N GLU G 63 28.42 -11.77 -32.86
CA GLU G 63 27.30 -11.21 -33.60
C GLU G 63 26.40 -10.35 -32.73
N ALA G 64 26.42 -10.55 -31.41
CA ALA G 64 25.60 -9.72 -30.53
C ALA G 64 26.18 -8.32 -30.39
N GLY G 65 27.46 -8.23 -30.03
CA GLY G 65 28.10 -6.94 -29.87
C GLY G 65 28.70 -6.41 -31.17
N GLU H 6 -1.18 41.53 -7.68
CA GLU H 6 -1.29 40.09 -7.54
C GLU H 6 0.06 39.50 -7.14
N VAL H 7 0.55 39.82 -5.94
CA VAL H 7 1.74 39.11 -5.47
C VAL H 7 1.47 38.37 -4.16
N PRO H 8 0.27 37.70 -3.98
CA PRO H 8 0.20 36.63 -2.98
C PRO H 8 0.91 35.34 -3.36
N SER H 9 0.75 34.84 -4.60
CA SER H 9 1.32 33.54 -4.93
C SER H 9 2.84 33.57 -4.93
N TYR H 10 3.42 34.71 -5.28
CA TYR H 10 4.87 34.82 -5.29
C TYR H 10 5.43 34.69 -3.87
N ASN H 11 4.81 35.35 -2.90
CA ASN H 11 5.21 35.14 -1.51
C ASN H 11 5.14 33.66 -1.15
N ALA H 12 3.97 33.05 -1.33
CA ALA H 12 3.79 31.65 -1.00
C ALA H 12 4.79 30.77 -1.75
N PHE H 13 4.87 30.95 -3.09
CA PHE H 13 5.83 30.20 -3.91
C PHE H 13 7.26 30.36 -3.41
N VAL H 14 7.60 31.50 -2.82
CA VAL H 14 8.94 31.66 -2.26
C VAL H 14 9.07 30.85 -0.98
N LYS H 15 8.08 30.94 -0.09
CA LYS H 15 8.16 30.24 1.20
C LYS H 15 8.36 28.75 0.99
N GLU H 16 7.51 28.14 0.15
CA GLU H 16 7.68 26.72 -0.16
C GLU H 16 9.04 26.46 -0.80
N SER H 17 9.49 27.37 -1.66
CA SER H 17 10.81 27.22 -2.27
C SER H 17 11.91 27.17 -1.23
N LYS H 18 11.68 27.72 -0.04
CA LYS H 18 12.59 27.50 1.07
C LYS H 18 12.30 26.17 1.76
N GLN H 19 11.03 25.93 2.08
CA GLN H 19 10.66 24.75 2.87
C GLN H 19 11.14 23.47 2.19
N LYS H 20 10.62 23.19 1.00
CA LYS H 20 11.04 22.02 0.25
C LYS H 20 12.55 21.98 0.06
N MET H 21 13.22 23.12 0.09
CA MET H 21 14.68 23.12 0.09
C MET H 21 15.21 22.61 1.42
N ASN H 22 14.86 23.29 2.51
CA ASN H 22 15.39 22.98 3.84
C ASN H 22 15.34 21.49 4.12
N ALA H 23 14.12 20.94 4.11
CA ALA H 23 13.92 19.50 4.32
C ALA H 23 14.94 18.69 3.55
N ARG H 24 14.99 18.86 2.23
CA ARG H 24 15.94 18.11 1.41
C ARG H 24 17.35 18.25 1.99
N LYS H 25 17.81 19.49 2.13
CA LYS H 25 19.11 19.73 2.75
C LYS H 25 19.19 19.00 4.08
N ARG H 26 18.24 19.27 4.98
CA ARG H 26 18.24 18.61 6.28
C ARG H 26 18.32 17.10 6.12
N ARG H 27 17.53 16.55 5.20
CA ARG H 27 17.57 15.12 4.96
C ARG H 27 19.00 14.66 4.70
N ALA H 28 19.64 15.24 3.68
CA ALA H 28 21.02 14.92 3.39
C ALA H 28 21.87 15.05 4.64
N GLN H 29 21.69 16.17 5.36
CA GLN H 29 22.42 16.43 6.60
C GLN H 29 22.45 15.19 7.47
N GLU H 30 21.27 14.65 7.79
CA GLU H 30 21.20 13.47 8.64
C GLU H 30 22.04 12.34 8.05
N GLU H 31 21.76 11.96 6.80
CA GLU H 31 22.52 10.88 6.17
C GLU H 31 24.00 11.20 6.18
N ALA H 32 24.35 12.48 5.97
CA ALA H 32 25.74 12.90 5.97
C ALA H 32 26.45 12.37 7.21
N LYS H 33 25.87 12.60 8.39
CA LYS H 33 26.46 12.11 9.63
C LYS H 33 26.71 10.61 9.52
N GLU H 34 25.65 9.83 9.26
CA GLU H 34 25.79 8.39 9.19
C GLU H 34 26.83 7.98 8.15
N ALA H 35 26.99 8.79 7.10
CA ALA H 35 28.01 8.54 6.10
C ALA H 35 29.37 8.36 6.77
N GLU H 36 29.81 9.38 7.52
CA GLU H 36 31.09 9.25 8.22
C GLU H 36 31.02 8.14 9.26
N MET H 37 29.84 7.91 9.85
CA MET H 37 29.69 6.81 10.80
C MET H 37 29.98 5.45 10.19
N SER H 38 30.06 5.37 8.85
CA SER H 38 30.51 4.17 8.19
C SER H 38 31.85 4.34 7.49
N ARG H 39 32.30 5.58 7.26
CA ARG H 39 33.57 5.80 6.59
C ARG H 39 34.73 5.39 7.47
N LYS H 40 34.72 5.82 8.73
CA LYS H 40 35.77 5.45 9.67
C LYS H 40 35.51 4.10 10.33
N GLU H 41 34.33 3.51 10.13
CA GLU H 41 33.99 2.25 10.78
C GLU H 41 34.68 1.07 10.10
N LEU H 42 34.90 1.13 8.80
CA LEU H 42 35.47 0.02 8.04
C LEU H 42 36.68 0.46 7.23
N GLY H 43 37.44 1.41 7.76
CA GLY H 43 38.65 1.85 7.10
C GLY H 43 38.44 2.49 5.75
N LEU H 44 37.21 2.89 5.43
CA LEU H 44 36.93 3.54 4.16
C LEU H 44 37.57 4.93 4.17
N ASP H 45 38.64 5.09 3.39
CA ASP H 45 39.41 6.32 3.38
C ASP H 45 38.82 7.31 2.40
N GLU H 46 38.84 8.60 2.78
CA GLU H 46 38.29 9.64 1.94
C GLU H 46 39.07 9.76 0.64
N GLY H 47 38.36 10.03 -0.45
CA GLY H 47 38.96 10.11 -1.76
C GLY H 47 38.31 9.16 -2.75
N VAL H 48 38.06 9.64 -3.96
CA VAL H 48 37.38 8.79 -4.94
C VAL H 48 38.33 7.75 -5.53
N ASP H 49 39.62 8.09 -5.68
CA ASP H 49 40.58 7.10 -6.16
C ASP H 49 40.80 5.99 -5.13
N SER H 50 40.63 6.30 -3.84
CA SER H 50 40.72 5.27 -2.82
C SER H 50 39.53 4.30 -2.92
N LEU H 51 38.36 4.83 -3.28
CA LEU H 51 37.18 3.98 -3.43
C LEU H 51 37.38 2.95 -4.54
N LYS H 52 37.92 3.38 -5.68
CA LYS H 52 38.18 2.45 -6.78
C LYS H 52 39.18 1.38 -6.35
N ALA H 53 40.17 1.75 -5.53
CA ALA H 53 41.17 0.79 -5.10
C ALA H 53 40.57 -0.24 -4.15
N ALA H 54 39.76 0.21 -3.19
CA ALA H 54 39.08 -0.72 -2.30
C ALA H 54 38.17 -1.67 -3.07
N ILE H 55 37.41 -1.12 -4.02
CA ILE H 55 36.50 -1.96 -4.82
C ILE H 55 37.29 -3.00 -5.60
N GLN H 56 38.37 -2.58 -6.27
CA GLN H 56 39.15 -3.51 -7.06
C GLN H 56 39.81 -4.58 -6.20
N SER H 57 40.30 -4.20 -5.01
CA SER H 57 40.93 -5.17 -4.13
C SER H 57 39.93 -6.22 -3.64
N ARG H 58 38.78 -5.77 -3.13
CA ARG H 58 37.80 -6.74 -2.66
C ARG H 58 37.22 -7.55 -3.81
N GLN H 59 37.16 -7.00 -5.02
CA GLN H 59 36.68 -7.76 -6.15
C GLN H 59 37.67 -8.82 -6.60
N LYS H 60 38.97 -8.51 -6.52
CA LYS H 60 39.98 -9.54 -6.77
C LYS H 60 39.90 -10.64 -5.72
N ASP H 61 39.64 -10.27 -4.46
CA ASP H 61 39.43 -11.28 -3.44
C ASP H 61 38.22 -12.15 -3.74
N ARG H 62 37.14 -11.54 -4.23
CA ARG H 62 35.97 -12.32 -4.62
C ARG H 62 36.26 -13.22 -5.81
N GLN H 63 37.09 -12.74 -6.74
CA GLN H 63 37.53 -13.57 -7.86
C GLN H 63 38.27 -14.80 -7.36
N LYS H 64 39.18 -14.61 -6.39
CA LYS H 64 39.90 -15.74 -5.83
C LYS H 64 38.98 -16.69 -5.10
N GLU H 65 37.99 -16.16 -4.38
CA GLU H 65 37.03 -17.03 -3.69
C GLU H 65 36.19 -17.82 -4.68
N MET H 66 35.78 -17.20 -5.78
CA MET H 66 35.05 -17.91 -6.81
C MET H 66 35.90 -18.99 -7.46
N ASP H 67 37.19 -18.71 -7.66
CA ASP H 67 38.10 -19.74 -8.17
C ASP H 67 38.18 -20.92 -7.20
N ASN H 68 38.27 -20.64 -5.90
CA ASN H 68 38.30 -21.71 -4.92
C ASN H 68 37.00 -22.52 -4.93
N PHE H 69 35.87 -21.82 -5.08
CA PHE H 69 34.58 -22.51 -5.12
C PHE H 69 34.49 -23.43 -6.33
N LEU H 70 34.86 -22.92 -7.51
CA LEU H 70 34.87 -23.77 -8.70
C LEU H 70 35.85 -24.92 -8.55
N ALA H 71 36.97 -24.69 -7.85
CA ALA H 71 37.95 -25.74 -7.64
C ALA H 71 37.36 -26.87 -6.80
N GLN H 72 36.70 -26.53 -5.70
CA GLN H 72 36.09 -27.58 -4.88
C GLN H 72 34.94 -28.26 -5.62
N MET H 73 34.19 -27.49 -6.41
CA MET H 73 33.10 -28.07 -7.18
C MET H 73 33.61 -29.12 -8.16
N GLU H 74 34.66 -28.78 -8.92
CA GLU H 74 35.19 -29.74 -9.88
C GLU H 74 35.96 -30.87 -9.20
N ALA H 75 36.53 -30.62 -8.02
CA ALA H 75 37.22 -31.68 -7.30
C ALA H 75 36.24 -32.66 -6.68
N LYS H 76 35.00 -32.26 -6.43
CA LYS H 76 34.00 -33.16 -5.89
C LYS H 76 33.08 -33.77 -6.94
N TYR H 77 32.90 -33.12 -8.09
CA TYR H 77 31.87 -33.55 -9.04
C TYR H 77 32.34 -33.83 -10.46
N SER H 78 33.60 -33.58 -10.79
CA SER H 78 34.07 -33.85 -12.15
C SER H 78 34.53 -35.30 -12.28
N LYS H 79 34.64 -35.75 -13.53
CA LYS H 79 35.14 -37.09 -13.80
C LYS H 79 36.64 -37.21 -13.58
N SER H 80 37.38 -36.10 -13.66
CA SER H 80 38.81 -36.13 -13.37
C SER H 80 39.09 -36.61 -11.96
N SER H 81 38.17 -36.34 -11.02
CA SER H 81 38.31 -36.82 -9.64
C SER H 81 37.55 -38.14 -9.50
N LYS H 82 38.12 -39.17 -10.11
CA LYS H 82 37.55 -40.51 -10.06
C LYS H 82 38.62 -41.54 -9.71
#